data_1Y20
#
_entry.id   1Y20
#
_cell.length_a   41.393
_cell.length_b   72.634
_cell.length_c   96.263
_cell.angle_alpha   90.00
_cell.angle_beta   90.00
_cell.angle_gamma   90.00
#
_symmetry.space_group_name_H-M   'P 21 21 21'
#
loop_
_entity.id
_entity.type
_entity.pdbx_description
1 polymer 'Glutamate [NMDA] receptor subunit zeta 1'
2 non-polymer '1-AMINOCYCLOPROPANECARBOXYLIC ACID'
3 water water
#
_entity_poly.entity_id   1
_entity_poly.type   'polypeptide(L)'
_entity_poly.pdbx_seq_one_letter_code
;GMSTRLKIVTIHQEPFVYVKPTMSDGTCKEEFTVNGDPVKKVICTGPNDTSPGSPRHTVPQCCYGFCIDLLIKLARTMNF
TYEVHLVADGKFGTQERVNNSNKKEWNGMMGELLSGQADMIVAPLTINNERAQYIEFSKPFKYQGLTILVKKGTRITGIN
DPRLRNPSDKFIYATVKQSSVDIYFRRQVELSTMYRHMEKHNYESAAEAIQAVRDNKLHAFIWDSAVLEFEASQKCDLVT
TGELFFRSGFGIGMRKDSPWKQNVSLSILKSHENGFMEDLDKTWVRYQECDS
;
_entity_poly.pdbx_strand_id   A
#
# COMPACT_ATOMS: atom_id res chain seq x y z
N ARG A 5 4.58 -24.35 -3.16
CA ARG A 5 4.36 -23.24 -2.18
C ARG A 5 4.61 -21.88 -2.84
N LEU A 6 3.56 -21.10 -3.01
CA LEU A 6 3.69 -19.79 -3.63
C LEU A 6 4.43 -18.78 -2.78
N LYS A 7 5.29 -18.01 -3.42
CA LYS A 7 6.03 -16.97 -2.72
C LYS A 7 5.19 -15.71 -2.83
N ILE A 8 4.61 -15.30 -1.70
CA ILE A 8 3.77 -14.11 -1.65
C ILE A 8 4.59 -12.91 -1.19
N VAL A 9 4.52 -11.80 -1.92
CA VAL A 9 5.23 -10.63 -1.45
C VAL A 9 4.17 -9.61 -1.06
N THR A 10 4.44 -8.90 0.03
CA THR A 10 3.54 -7.88 0.48
C THR A 10 4.34 -6.70 1.01
N ILE A 11 3.69 -5.74 1.65
CA ILE A 11 4.36 -4.54 2.11
C ILE A 11 3.64 -4.03 3.35
N HIS A 12 4.35 -3.35 4.24
CA HIS A 12 3.73 -2.78 5.43
C HIS A 12 2.81 -1.64 4.95
N GLN A 13 1.54 -1.71 5.33
CA GLN A 13 0.60 -0.66 4.94
C GLN A 13 -0.68 -0.82 5.72
N GLU A 14 -0.76 -0.17 6.87
CA GLU A 14 -1.95 -0.28 7.70
C GLU A 14 -3.12 0.39 6.99
N PRO A 15 -4.33 -0.16 7.09
CA PRO A 15 -4.80 -1.35 7.82
C PRO A 15 -4.77 -2.65 7.01
N PHE A 16 -4.15 -2.62 5.85
CA PHE A 16 -4.09 -3.80 4.99
C PHE A 16 -3.06 -4.81 5.44
N VAL A 17 -1.91 -4.32 5.88
CA VAL A 17 -0.86 -5.19 6.38
C VAL A 17 -0.13 -4.52 7.53
N TYR A 18 -0.32 -5.10 8.71
CA TYR A 18 0.38 -4.66 9.92
C TYR A 18 1.61 -5.55 10.01
N VAL A 19 2.71 -5.00 10.49
CA VAL A 19 3.95 -5.77 10.64
C VAL A 19 4.47 -5.50 12.05
N LYS A 20 4.64 -6.57 12.83
CA LYS A 20 5.09 -6.44 14.21
C LYS A 20 6.15 -7.48 14.51
N PRO A 21 6.98 -7.22 15.53
CA PRO A 21 8.02 -8.19 15.86
C PRO A 21 7.40 -9.43 16.48
N THR A 22 8.08 -10.56 16.35
CA THR A 22 7.60 -11.78 16.98
C THR A 22 7.92 -11.63 18.46
N MET A 23 7.32 -12.48 19.28
CA MET A 23 7.60 -12.47 20.70
C MET A 23 8.97 -13.12 20.85
N SER A 24 9.48 -13.12 22.07
CA SER A 24 10.79 -13.70 22.35
C SER A 24 10.91 -15.15 21.88
N ASP A 25 9.82 -15.91 21.96
CA ASP A 25 9.84 -17.31 21.55
C ASP A 25 9.60 -17.56 20.06
N GLY A 26 9.48 -16.48 19.29
CA GLY A 26 9.28 -16.62 17.86
C GLY A 26 7.84 -16.66 17.41
N THR A 27 6.91 -16.68 18.34
CA THR A 27 5.49 -16.72 17.99
C THR A 27 4.93 -15.30 17.90
N CYS A 28 3.67 -15.21 17.49
CA CYS A 28 3.00 -13.92 17.35
C CYS A 28 2.00 -13.74 18.48
N LYS A 29 2.00 -12.56 19.09
CA LYS A 29 1.10 -12.25 20.20
C LYS A 29 -0.35 -12.60 19.87
N GLU A 30 -1.05 -13.21 20.83
CA GLU A 30 -2.45 -13.55 20.63
C GLU A 30 -3.30 -12.30 20.83
N GLU A 31 -4.02 -11.92 19.80
CA GLU A 31 -4.89 -10.75 19.86
C GLU A 31 -6.24 -11.10 19.26
N PHE A 32 -7.22 -10.23 19.52
CA PHE A 32 -8.56 -10.48 19.03
C PHE A 32 -9.15 -9.25 18.35
N THR A 33 -9.98 -9.51 17.34
CA THR A 33 -10.63 -8.46 16.57
C THR A 33 -11.76 -7.81 17.36
N VAL A 34 -12.44 -6.88 16.72
CA VAL A 34 -13.54 -6.15 17.33
C VAL A 34 -14.73 -7.08 17.58
N ASN A 35 -14.74 -8.22 16.88
CA ASN A 35 -15.82 -9.20 17.02
C ASN A 35 -15.48 -10.24 18.09
N GLY A 36 -14.25 -10.22 18.59
CA GLY A 36 -13.84 -11.17 19.59
C GLY A 36 -13.15 -12.39 19.00
N ASP A 37 -12.97 -12.39 17.68
CA ASP A 37 -12.33 -13.50 17.00
C ASP A 37 -10.82 -13.36 17.04
N PRO A 38 -10.10 -14.49 16.95
CA PRO A 38 -8.64 -14.37 16.97
C PRO A 38 -8.16 -13.65 15.72
N VAL A 39 -7.17 -12.77 15.89
CA VAL A 39 -6.61 -12.08 14.75
C VAL A 39 -5.69 -13.12 14.10
N LYS A 40 -5.91 -13.39 12.83
CA LYS A 40 -5.09 -14.36 12.10
C LYS A 40 -3.75 -13.73 11.79
N LYS A 41 -2.67 -14.40 12.16
CA LYS A 41 -1.34 -13.88 11.93
C LYS A 41 -0.46 -14.84 11.18
N VAL A 42 0.30 -14.32 10.23
CA VAL A 42 1.20 -15.15 9.46
C VAL A 42 2.62 -14.64 9.66
N ILE A 43 3.58 -15.53 9.51
CA ILE A 43 4.97 -15.12 9.61
C ILE A 43 5.34 -14.52 8.27
N CYS A 44 5.96 -13.35 8.30
CA CYS A 44 6.41 -12.71 7.09
C CYS A 44 7.85 -12.26 7.33
N THR A 45 8.77 -12.77 6.52
CA THR A 45 10.17 -12.41 6.67
C THR A 45 10.43 -11.12 5.89
N GLY A 46 11.30 -10.28 6.41
CA GLY A 46 11.60 -9.05 5.71
C GLY A 46 12.51 -8.12 6.50
N PRO A 47 12.92 -7.01 5.88
CA PRO A 47 13.80 -6.06 6.56
C PRO A 47 13.15 -5.54 7.84
N ASN A 48 13.95 -5.41 8.89
CA ASN A 48 13.46 -4.93 10.18
C ASN A 48 13.49 -3.40 10.24
N ASP A 49 14.68 -2.85 10.37
CA ASP A 49 14.84 -1.40 10.44
C ASP A 49 15.40 -0.83 9.14
N THR A 50 14.77 0.23 8.64
CA THR A 50 15.21 0.87 7.41
C THR A 50 15.76 2.26 7.71
N SER A 51 16.06 2.51 8.98
CA SER A 51 16.59 3.80 9.39
C SER A 51 17.99 3.99 8.80
N PRO A 52 18.20 5.08 8.05
CA PRO A 52 19.50 5.36 7.44
C PRO A 52 20.62 5.47 8.47
N GLY A 53 21.69 4.69 8.26
CA GLY A 53 22.80 4.71 9.17
C GLY A 53 22.98 3.41 9.94
N SER A 54 21.96 2.57 9.93
CA SER A 54 22.02 1.30 10.64
C SER A 54 22.05 0.11 9.69
N PRO A 55 22.70 -0.99 10.11
CA PRO A 55 22.80 -2.20 9.28
C PRO A 55 21.44 -2.84 9.02
N ARG A 56 21.24 -3.27 7.78
CA ARG A 56 19.99 -3.90 7.39
C ARG A 56 19.98 -5.37 7.81
N HIS A 57 18.81 -5.85 8.23
CA HIS A 57 18.66 -7.23 8.64
C HIS A 57 17.29 -7.74 8.26
N THR A 58 17.24 -8.97 7.76
CA THR A 58 15.97 -9.59 7.38
C THR A 58 15.65 -10.63 8.44
N VAL A 59 14.47 -10.52 9.04
CA VAL A 59 14.06 -11.43 10.11
C VAL A 59 12.59 -11.78 10.03
N PRO A 60 12.18 -12.88 10.67
CA PRO A 60 10.78 -13.30 10.68
C PRO A 60 10.00 -12.29 11.50
N GLN A 61 8.87 -11.85 10.98
CA GLN A 61 8.02 -10.90 11.67
C GLN A 61 6.58 -11.39 11.59
N CYS A 62 5.68 -10.70 12.29
CA CYS A 62 4.28 -11.07 12.31
C CYS A 62 3.47 -10.11 11.46
N CYS A 63 2.67 -10.67 10.56
CA CYS A 63 1.84 -9.89 9.66
C CYS A 63 0.36 -10.25 9.81
N TYR A 64 -0.49 -9.24 9.72
CA TYR A 64 -1.94 -9.43 9.81
C TYR A 64 -2.62 -8.20 9.24
N GLY A 65 -3.93 -8.31 9.02
CA GLY A 65 -4.67 -7.19 8.47
C GLY A 65 -5.59 -7.60 7.34
N PHE A 66 -6.25 -6.62 6.73
CA PHE A 66 -7.18 -6.88 5.63
C PHE A 66 -6.61 -7.78 4.53
N CYS A 67 -5.41 -7.47 4.05
CA CYS A 67 -4.82 -8.27 2.98
C CYS A 67 -4.37 -9.64 3.43
N ILE A 68 -4.00 -9.79 4.69
CA ILE A 68 -3.58 -11.10 5.18
C ILE A 68 -4.82 -12.00 5.30
N ASP A 69 -5.94 -11.45 5.78
CA ASP A 69 -7.17 -12.22 5.86
C ASP A 69 -7.57 -12.62 4.43
N LEU A 70 -7.39 -11.72 3.47
CA LEU A 70 -7.74 -12.03 2.07
C LEU A 70 -6.83 -13.14 1.56
N LEU A 71 -5.53 -13.06 1.85
CA LEU A 71 -4.59 -14.10 1.44
C LEU A 71 -5.01 -15.46 1.99
N ILE A 72 -5.34 -15.50 3.28
CA ILE A 72 -5.74 -16.75 3.88
C ILE A 72 -6.98 -17.33 3.20
N LYS A 73 -7.93 -16.48 2.84
CA LYS A 73 -9.15 -16.90 2.16
C LYS A 73 -8.82 -17.44 0.77
N LEU A 74 -7.96 -16.73 0.05
CA LEU A 74 -7.57 -17.16 -1.29
C LEU A 74 -6.87 -18.52 -1.26
N ALA A 75 -5.92 -18.67 -0.35
CA ALA A 75 -5.16 -19.91 -0.22
C ALA A 75 -6.05 -21.10 0.09
N ARG A 76 -7.05 -20.90 0.95
CA ARG A 76 -7.97 -21.97 1.31
C ARG A 76 -8.84 -22.34 0.11
N THR A 77 -9.45 -21.32 -0.49
CA THR A 77 -10.33 -21.51 -1.64
C THR A 77 -9.66 -22.17 -2.82
N MET A 78 -8.42 -21.76 -3.10
CA MET A 78 -7.70 -22.31 -4.25
C MET A 78 -6.74 -23.43 -3.88
N ASN A 79 -6.81 -23.87 -2.63
CA ASN A 79 -6.00 -24.98 -2.15
C ASN A 79 -4.49 -24.85 -2.38
N PHE A 80 -3.89 -23.72 -2.01
CA PHE A 80 -2.45 -23.59 -2.19
C PHE A 80 -1.74 -23.23 -0.89
N THR A 81 -0.48 -23.60 -0.82
CA THR A 81 0.35 -23.30 0.34
C THR A 81 1.16 -22.07 -0.05
N TYR A 82 1.70 -21.37 0.93
CA TYR A 82 2.44 -20.17 0.63
C TYR A 82 3.42 -19.79 1.74
N GLU A 83 4.28 -18.83 1.42
CA GLU A 83 5.24 -18.28 2.36
C GLU A 83 5.26 -16.79 2.03
N VAL A 84 5.11 -15.97 3.06
CA VAL A 84 5.06 -14.53 2.87
C VAL A 84 6.32 -13.79 3.24
N HIS A 85 6.69 -12.80 2.43
CA HIS A 85 7.82 -11.96 2.75
C HIS A 85 7.52 -10.52 2.36
N LEU A 86 8.19 -9.59 3.03
CA LEU A 86 8.02 -8.17 2.76
C LEU A 86 9.01 -7.75 1.68
N VAL A 87 8.53 -6.96 0.73
CA VAL A 87 9.35 -6.48 -0.39
C VAL A 87 10.67 -5.92 0.16
N ALA A 88 11.78 -6.42 -0.38
CA ALA A 88 13.10 -6.02 0.08
C ALA A 88 13.41 -4.52 0.02
N ASP A 89 13.03 -3.84 -1.06
CA ASP A 89 13.33 -2.41 -1.13
C ASP A 89 12.25 -1.53 -0.52
N GLY A 90 11.22 -2.17 0.05
CA GLY A 90 10.13 -1.46 0.71
C GLY A 90 9.20 -0.63 -0.16
N LYS A 91 9.27 -0.80 -1.48
CA LYS A 91 8.44 -0.01 -2.39
C LYS A 91 7.32 -0.76 -3.09
N PHE A 92 6.35 -0.01 -3.62
CA PHE A 92 5.24 -0.61 -4.34
C PHE A 92 5.66 -1.01 -5.74
N GLY A 93 6.21 -0.04 -6.49
CA GLY A 93 6.70 -0.39 -7.81
C GLY A 93 6.48 0.54 -8.98
N THR A 94 7.57 1.05 -9.52
CA THR A 94 7.57 1.90 -10.72
C THR A 94 8.68 1.37 -11.60
N GLN A 95 8.68 1.77 -12.86
CA GLN A 95 9.70 1.31 -13.80
C GLN A 95 10.72 2.42 -14.02
N GLU A 96 12.00 2.09 -13.84
CA GLU A 96 13.05 3.08 -14.02
C GLU A 96 14.27 2.49 -14.69
N ARG A 97 15.10 3.37 -15.25
CA ARG A 97 16.34 2.94 -15.86
C ARG A 97 17.23 2.54 -14.69
N VAL A 98 18.00 1.47 -14.87
CA VAL A 98 18.88 1.02 -13.81
C VAL A 98 20.34 0.98 -14.22
N ASN A 99 21.20 0.89 -13.22
CA ASN A 99 22.63 0.80 -13.42
C ASN A 99 23.21 1.85 -14.38
N ASN A 100 22.65 3.05 -14.32
CA ASN A 100 23.10 4.13 -15.18
C ASN A 100 23.14 3.71 -16.64
N SER A 101 22.11 2.97 -17.06
CA SER A 101 22.02 2.52 -18.44
C SER A 101 20.63 2.85 -18.95
N ASN A 102 20.31 2.37 -20.14
CA ASN A 102 18.98 2.61 -20.70
C ASN A 102 18.09 1.39 -20.48
N LYS A 103 18.63 0.39 -19.77
CA LYS A 103 17.88 -0.81 -19.45
C LYS A 103 16.88 -0.43 -18.35
N LYS A 104 15.62 -0.79 -18.53
CA LYS A 104 14.60 -0.47 -17.54
C LYS A 104 14.14 -1.71 -16.77
N GLU A 105 13.95 -1.52 -15.47
CA GLU A 105 13.50 -2.60 -14.61
C GLU A 105 12.53 -2.02 -13.60
N TRP A 106 11.63 -2.86 -13.11
CA TRP A 106 10.68 -2.42 -12.09
C TRP A 106 11.29 -2.65 -10.72
N ASN A 107 11.01 -1.72 -9.82
CA ASN A 107 11.47 -1.82 -8.44
C ASN A 107 10.26 -2.28 -7.62
N GLY A 108 10.41 -2.33 -6.30
CA GLY A 108 9.30 -2.72 -5.46
C GLY A 108 8.72 -4.11 -5.68
N MET A 109 7.46 -4.28 -5.31
CA MET A 109 6.79 -5.58 -5.45
C MET A 109 6.67 -5.98 -6.91
N MET A 110 6.51 -4.98 -7.79
CA MET A 110 6.43 -5.23 -9.22
C MET A 110 7.70 -5.93 -9.68
N GLY A 111 8.85 -5.39 -9.28
CA GLY A 111 10.12 -5.99 -9.66
C GLY A 111 10.28 -7.42 -9.16
N GLU A 112 9.90 -7.65 -7.91
CA GLU A 112 10.03 -8.98 -7.35
C GLU A 112 9.13 -10.01 -8.02
N LEU A 113 7.95 -9.58 -8.43
CA LEU A 113 7.03 -10.48 -9.12
C LEU A 113 7.61 -10.85 -10.49
N LEU A 114 8.13 -9.85 -11.19
CA LEU A 114 8.70 -10.09 -12.51
C LEU A 114 10.01 -10.90 -12.47
N SER A 115 10.79 -10.76 -11.41
CA SER A 115 12.05 -11.48 -11.30
C SER A 115 11.88 -12.91 -10.82
N GLY A 116 10.75 -13.19 -10.20
CA GLY A 116 10.52 -14.53 -9.68
C GLY A 116 10.74 -14.60 -8.17
N GLN A 117 11.16 -13.49 -7.57
CA GLN A 117 11.35 -13.46 -6.12
C GLN A 117 10.00 -13.65 -5.44
N ALA A 118 8.94 -13.36 -6.20
CA ALA A 118 7.57 -13.51 -5.73
C ALA A 118 6.74 -14.13 -6.83
N ASP A 119 5.70 -14.87 -6.45
CA ASP A 119 4.79 -15.49 -7.40
C ASP A 119 3.46 -14.75 -7.43
N MET A 120 3.19 -14.01 -6.36
CA MET A 120 1.94 -13.27 -6.28
C MET A 120 2.12 -12.10 -5.35
N ILE A 121 1.53 -10.96 -5.70
CA ILE A 121 1.58 -9.79 -4.85
C ILE A 121 0.21 -9.70 -4.19
N VAL A 122 0.18 -9.69 -2.86
CA VAL A 122 -1.08 -9.58 -2.13
C VAL A 122 -0.86 -8.39 -1.21
N ALA A 123 -1.37 -7.25 -1.66
CA ALA A 123 -1.16 -5.98 -0.96
C ALA A 123 -2.13 -4.95 -1.54
N PRO A 124 -2.13 -3.73 -0.98
CA PRO A 124 -3.02 -2.69 -1.52
C PRO A 124 -2.31 -2.13 -2.76
N LEU A 125 -2.28 -2.96 -3.80
CA LEU A 125 -1.62 -2.68 -5.06
C LEU A 125 -2.56 -2.08 -6.10
N THR A 126 -2.26 -0.85 -6.51
CA THR A 126 -3.09 -0.17 -7.50
C THR A 126 -3.00 -0.73 -8.90
N ILE A 127 -4.17 -0.97 -9.49
CA ILE A 127 -4.29 -1.45 -10.85
C ILE A 127 -4.16 -0.23 -11.76
N ASN A 128 -3.16 -0.21 -12.64
CA ASN A 128 -3.04 0.90 -13.58
C ASN A 128 -2.54 0.34 -14.90
N ASN A 129 -2.71 1.13 -15.96
CA ASN A 129 -2.30 0.73 -17.31
C ASN A 129 -0.82 0.44 -17.42
N GLU A 130 0.00 1.29 -16.80
CA GLU A 130 1.44 1.13 -16.85
C GLU A 130 1.87 -0.24 -16.35
N ARG A 131 1.35 -0.66 -15.20
CA ARG A 131 1.68 -1.95 -14.62
C ARG A 131 1.02 -3.11 -15.37
N ALA A 132 -0.20 -2.89 -15.86
CA ALA A 132 -0.92 -3.93 -16.58
C ALA A 132 -0.21 -4.36 -17.86
N GLN A 133 0.73 -3.55 -18.33
CA GLN A 133 1.49 -3.90 -19.54
C GLN A 133 2.50 -5.00 -19.24
N TYR A 134 2.88 -5.13 -17.96
CA TYR A 134 3.89 -6.11 -17.56
C TYR A 134 3.39 -7.28 -16.73
N ILE A 135 2.29 -7.09 -16.00
CA ILE A 135 1.74 -8.15 -15.16
C ILE A 135 0.24 -8.23 -15.35
N GLU A 136 -0.36 -9.21 -14.70
CA GLU A 136 -1.80 -9.36 -14.75
C GLU A 136 -2.38 -9.08 -13.37
N PHE A 137 -3.54 -8.45 -13.36
CA PHE A 137 -4.23 -8.13 -12.12
C PHE A 137 -5.55 -8.87 -12.05
N SER A 138 -5.98 -9.18 -10.84
CA SER A 138 -7.28 -9.79 -10.66
C SER A 138 -8.23 -8.60 -10.76
N LYS A 139 -9.53 -8.89 -10.73
CA LYS A 139 -10.49 -7.80 -10.71
C LYS A 139 -10.23 -7.14 -9.36
N PRO A 140 -10.63 -5.88 -9.20
CA PRO A 140 -10.39 -5.18 -7.93
C PRO A 140 -10.99 -5.84 -6.70
N PHE A 141 -10.20 -5.92 -5.62
CA PHE A 141 -10.75 -6.46 -4.38
C PHE A 141 -11.22 -5.29 -3.50
N LYS A 142 -10.85 -4.07 -3.91
CA LYS A 142 -11.26 -2.86 -3.20
C LYS A 142 -11.29 -1.69 -4.19
N TYR A 143 -12.31 -0.85 -4.07
CA TYR A 143 -12.48 0.31 -4.94
C TYR A 143 -12.13 1.55 -4.12
N GLN A 144 -11.24 2.38 -4.63
CA GLN A 144 -10.83 3.57 -3.89
C GLN A 144 -10.31 4.66 -4.84
N GLY A 145 -9.38 5.47 -4.37
CA GLY A 145 -8.83 6.51 -5.21
C GLY A 145 -7.75 7.25 -4.46
N LEU A 146 -7.39 8.43 -4.93
CA LEU A 146 -6.39 9.24 -4.28
C LEU A 146 -7.05 10.40 -3.57
N THR A 147 -6.50 10.77 -2.43
CA THR A 147 -6.99 11.92 -1.70
C THR A 147 -5.80 12.56 -1.01
N ILE A 148 -6.04 13.53 -0.14
CA ILE A 148 -4.96 14.24 0.51
C ILE A 148 -5.12 14.29 2.01
N LEU A 149 -4.03 14.03 2.73
CA LEU A 149 -4.02 14.04 4.20
C LEU A 149 -3.33 15.30 4.70
N VAL A 150 -3.99 16.00 5.62
CA VAL A 150 -3.43 17.22 6.20
C VAL A 150 -3.74 17.23 7.69
N LYS A 151 -3.09 18.13 8.40
CA LYS A 151 -3.31 18.28 9.84
C LYS A 151 -4.64 19.01 9.98
N LYS A 152 -5.43 18.66 10.99
CA LYS A 152 -6.71 19.32 11.21
C LYS A 152 -6.50 20.83 11.28
N GLY A 153 -7.30 21.58 10.51
CA GLY A 153 -7.15 23.02 10.51
C GLY A 153 -6.51 23.56 9.25
N THR A 154 -5.80 22.70 8.53
CA THR A 154 -5.16 23.11 7.28
C THR A 154 -6.24 23.23 6.21
N ARG A 155 -6.27 24.37 5.52
CA ARG A 155 -7.27 24.61 4.50
C ARG A 155 -6.81 24.37 3.06
N ILE A 156 -7.21 23.22 2.52
CA ILE A 156 -6.88 22.83 1.16
C ILE A 156 -8.19 22.39 0.49
N THR A 157 -8.43 22.87 -0.73
CA THR A 157 -9.65 22.51 -1.46
C THR A 157 -9.54 21.11 -2.04
N GLY A 158 -8.34 20.78 -2.52
CA GLY A 158 -8.12 19.49 -3.13
C GLY A 158 -6.87 19.53 -3.97
N ILE A 159 -6.80 18.66 -4.97
CA ILE A 159 -5.63 18.59 -5.84
C ILE A 159 -5.45 19.84 -6.70
N ASN A 160 -6.52 20.63 -6.85
CA ASN A 160 -6.44 21.85 -7.66
C ASN A 160 -6.22 23.11 -6.83
N ASP A 161 -5.94 22.94 -5.55
CA ASP A 161 -5.70 24.06 -4.67
C ASP A 161 -4.46 24.83 -5.10
N PRO A 162 -4.52 26.16 -5.08
CA PRO A 162 -3.37 26.97 -5.50
C PRO A 162 -2.06 26.64 -4.77
N ARG A 163 -2.15 26.22 -3.51
CA ARG A 163 -0.93 25.89 -2.78
C ARG A 163 -0.29 24.60 -3.29
N LEU A 164 -1.02 23.88 -4.13
CA LEU A 164 -0.50 22.65 -4.73
C LEU A 164 -0.10 22.97 -6.17
N ARG A 165 -0.98 23.68 -6.89
CA ARG A 165 -0.75 24.04 -8.28
C ARG A 165 0.35 25.08 -8.48
N ASN A 166 0.53 25.95 -7.49
CA ASN A 166 1.55 26.99 -7.54
C ASN A 166 2.41 26.77 -6.29
N PRO A 167 3.20 25.68 -6.29
CA PRO A 167 4.08 25.32 -5.17
C PRO A 167 5.17 26.30 -4.77
N SER A 168 5.43 26.35 -3.47
CA SER A 168 6.46 27.20 -2.89
C SER A 168 6.92 26.49 -1.61
N ASP A 169 7.99 26.99 -1.00
CA ASP A 169 8.52 26.38 0.21
C ASP A 169 7.65 26.69 1.43
N LYS A 170 6.59 27.47 1.22
CA LYS A 170 5.69 27.84 2.30
C LYS A 170 4.69 26.74 2.65
N PHE A 171 4.41 25.87 1.69
CA PHE A 171 3.48 24.77 1.89
C PHE A 171 4.07 23.53 1.21
N ILE A 172 4.61 22.63 2.02
CA ILE A 172 5.25 21.42 1.51
C ILE A 172 4.32 20.22 1.38
N TYR A 173 4.29 19.62 0.19
CA TYR A 173 3.47 18.44 -0.03
C TYR A 173 4.29 17.37 -0.74
N ALA A 174 3.87 16.12 -0.59
CA ALA A 174 4.62 15.03 -1.19
C ALA A 174 3.84 13.73 -1.16
N THR A 175 4.48 12.67 -1.64
CA THR A 175 3.87 11.36 -1.65
C THR A 175 4.98 10.36 -1.30
N VAL A 176 4.76 9.08 -1.54
CA VAL A 176 5.76 8.07 -1.27
C VAL A 176 6.47 7.75 -2.58
N LYS A 177 7.79 7.67 -2.54
CA LYS A 177 8.59 7.38 -3.72
C LYS A 177 8.25 6.03 -4.34
N GLN A 178 8.38 5.97 -5.65
CA GLN A 178 8.17 4.74 -6.42
C GLN A 178 6.87 4.00 -6.16
N SER A 179 5.78 4.77 -6.20
CA SER A 179 4.44 4.25 -6.01
C SER A 179 3.59 4.66 -7.21
N SER A 180 2.33 4.26 -7.21
CA SER A 180 1.44 4.61 -8.31
C SER A 180 1.19 6.11 -8.41
N VAL A 181 1.39 6.87 -7.33
CA VAL A 181 1.19 8.31 -7.39
C VAL A 181 2.18 8.93 -8.38
N ASP A 182 3.41 8.40 -8.41
CA ASP A 182 4.44 8.85 -9.34
C ASP A 182 3.93 8.60 -10.76
N ILE A 183 3.48 7.38 -10.99
CA ILE A 183 2.96 6.98 -12.29
C ILE A 183 1.86 7.93 -12.76
N TYR A 184 0.93 8.26 -11.87
CA TYR A 184 -0.17 9.15 -12.21
C TYR A 184 0.27 10.56 -12.59
N PHE A 185 1.13 11.14 -11.76
CA PHE A 185 1.56 12.51 -12.02
C PHE A 185 2.45 12.69 -13.25
N ARG A 186 3.08 11.62 -13.73
CA ARG A 186 3.93 11.72 -14.91
C ARG A 186 3.10 11.64 -16.18
N ARG A 187 1.79 11.43 -16.02
CA ARG A 187 0.88 11.32 -17.15
C ARG A 187 0.31 12.66 -17.63
N GLN A 188 0.51 13.70 -16.82
CA GLN A 188 0.02 15.03 -17.16
C GLN A 188 1.17 16.04 -17.08
N VAL A 189 1.21 16.95 -18.06
CA VAL A 189 2.26 17.97 -18.09
C VAL A 189 2.31 18.81 -16.83
N GLU A 190 1.14 19.26 -16.37
CA GLU A 190 1.05 20.07 -15.16
C GLU A 190 1.43 19.28 -13.92
N LEU A 191 0.90 18.07 -13.81
CA LEU A 191 1.19 17.22 -12.66
C LEU A 191 2.66 16.82 -12.65
N SER A 192 3.26 16.76 -13.84
CA SER A 192 4.67 16.39 -13.96
C SER A 192 5.51 17.44 -13.25
N THR A 193 5.14 18.70 -13.42
CA THR A 193 5.85 19.81 -12.78
C THR A 193 5.70 19.65 -11.28
N MET A 194 4.45 19.47 -10.84
CA MET A 194 4.16 19.30 -9.42
C MET A 194 4.95 18.13 -8.84
N TYR A 195 5.06 17.03 -9.59
CA TYR A 195 5.80 15.89 -9.07
C TYR A 195 7.28 16.20 -8.96
N ARG A 196 7.76 17.13 -9.79
CA ARG A 196 9.15 17.52 -9.76
C ARG A 196 9.38 18.20 -8.41
N HIS A 197 8.39 19.00 -8.01
CA HIS A 197 8.44 19.70 -6.73
C HIS A 197 8.38 18.67 -5.61
N MET A 198 7.47 17.71 -5.75
CA MET A 198 7.30 16.67 -4.76
C MET A 198 8.55 15.80 -4.64
N GLU A 199 9.21 15.56 -5.76
CA GLU A 199 10.41 14.75 -5.79
C GLU A 199 11.41 15.20 -4.73
N LYS A 200 11.44 16.49 -4.45
CA LYS A 200 12.36 17.05 -3.47
C LYS A 200 11.92 16.76 -2.03
N HIS A 201 10.70 16.25 -1.88
CA HIS A 201 10.17 15.98 -0.54
C HIS A 201 9.56 14.60 -0.32
N ASN A 202 9.50 13.78 -1.37
CA ASN A 202 8.91 12.45 -1.23
C ASN A 202 9.55 11.58 -0.15
N TYR A 203 8.72 10.77 0.49
CA TYR A 203 9.13 9.86 1.55
C TYR A 203 9.34 8.42 1.09
N GLU A 204 10.03 7.63 1.91
CA GLU A 204 10.32 6.24 1.60
C GLU A 204 9.14 5.31 1.90
N SER A 205 8.28 5.73 2.82
CA SER A 205 7.12 4.92 3.19
C SER A 205 5.96 5.79 3.61
N ALA A 206 4.75 5.24 3.50
CA ALA A 206 3.55 5.98 3.88
C ALA A 206 3.58 6.32 5.37
N ALA A 207 4.05 5.38 6.19
CA ALA A 207 4.10 5.60 7.63
C ALA A 207 4.92 6.85 7.97
N GLU A 208 6.06 7.00 7.30
CA GLU A 208 6.92 8.16 7.56
C GLU A 208 6.27 9.46 7.11
N ALA A 209 5.57 9.43 5.98
CA ALA A 209 4.92 10.63 5.49
C ALA A 209 3.77 11.03 6.42
N ILE A 210 3.00 10.04 6.86
CA ILE A 210 1.88 10.32 7.75
C ILE A 210 2.39 10.91 9.07
N GLN A 211 3.47 10.35 9.59
CA GLN A 211 4.04 10.88 10.83
C GLN A 211 4.51 12.31 10.61
N ALA A 212 5.09 12.57 9.44
CA ALA A 212 5.58 13.90 9.10
C ALA A 212 4.44 14.93 9.11
N VAL A 213 3.25 14.52 8.69
CA VAL A 213 2.12 15.45 8.70
C VAL A 213 1.74 15.73 10.14
N ARG A 214 1.71 14.70 10.98
CA ARG A 214 1.36 14.87 12.39
C ARG A 214 2.36 15.81 13.08
N ASP A 215 3.63 15.67 12.71
CA ASP A 215 4.70 16.47 13.30
C ASP A 215 4.89 17.85 12.67
N ASN A 216 3.98 18.22 11.76
CA ASN A 216 4.04 19.51 11.08
C ASN A 216 5.29 19.70 10.24
N LYS A 217 5.84 18.59 9.73
CA LYS A 217 7.03 18.65 8.89
C LYS A 217 6.64 18.52 7.42
N LEU A 218 5.45 17.97 7.19
CA LEU A 218 4.91 17.81 5.85
C LEU A 218 3.50 18.40 5.94
N HIS A 219 3.16 19.33 5.05
CA HIS A 219 1.85 19.96 5.11
C HIS A 219 0.72 19.20 4.43
N ALA A 220 1.05 18.40 3.41
CA ALA A 220 0.02 17.62 2.72
C ALA A 220 0.65 16.36 2.15
N PHE A 221 -0.03 15.23 2.33
CA PHE A 221 0.44 13.94 1.85
C PHE A 221 -0.61 13.39 0.88
N ILE A 222 -0.22 13.23 -0.38
CA ILE A 222 -1.10 12.71 -1.41
C ILE A 222 -0.93 11.20 -1.42
N TRP A 223 -2.02 10.47 -1.24
CA TRP A 223 -1.93 9.01 -1.15
C TRP A 223 -3.30 8.33 -1.34
N ASP A 224 -3.28 7.00 -1.24
CA ASP A 224 -4.48 6.18 -1.38
C ASP A 224 -5.53 6.52 -0.34
N SER A 225 -6.76 6.76 -0.80
CA SER A 225 -7.85 7.09 0.12
C SER A 225 -8.17 5.93 1.06
N ALA A 226 -8.02 4.69 0.60
CA ALA A 226 -8.33 3.55 1.48
C ALA A 226 -7.43 3.60 2.73
N VAL A 227 -6.19 4.04 2.53
CA VAL A 227 -5.25 4.14 3.64
C VAL A 227 -5.42 5.45 4.40
N LEU A 228 -5.49 6.57 3.68
CA LEU A 228 -5.62 7.86 4.33
C LEU A 228 -6.90 8.07 5.12
N GLU A 229 -8.02 7.56 4.62
CA GLU A 229 -9.26 7.74 5.36
C GLU A 229 -9.21 6.91 6.63
N PHE A 230 -8.54 5.76 6.59
CA PHE A 230 -8.40 4.96 7.80
C PHE A 230 -7.53 5.72 8.79
N GLU A 231 -6.35 6.15 8.35
CA GLU A 231 -5.45 6.88 9.22
C GLU A 231 -6.12 8.10 9.84
N ALA A 232 -6.82 8.88 9.01
CA ALA A 232 -7.49 10.07 9.51
C ALA A 232 -8.61 9.72 10.48
N SER A 233 -9.28 8.58 10.26
CA SER A 233 -10.37 8.18 11.15
C SER A 233 -9.87 7.68 12.50
N GLN A 234 -8.59 7.31 12.56
CA GLN A 234 -8.02 6.82 13.81
C GLN A 234 -7.24 7.86 14.60
N LYS A 235 -6.91 8.97 13.94
CA LYS A 235 -6.11 10.04 14.55
C LYS A 235 -6.89 11.33 14.40
N CYS A 236 -7.39 11.83 15.53
CA CYS A 236 -8.23 13.01 15.55
C CYS A 236 -7.58 14.29 15.06
N ASP A 237 -6.25 14.29 14.98
CA ASP A 237 -5.49 15.46 14.53
C ASP A 237 -5.24 15.44 13.02
N LEU A 238 -5.64 14.36 12.36
CA LEU A 238 -5.45 14.22 10.93
C LEU A 238 -6.78 14.11 10.19
N VAL A 239 -6.87 14.77 9.04
CA VAL A 239 -8.09 14.71 8.25
C VAL A 239 -7.72 14.56 6.78
N THR A 240 -8.69 14.15 5.97
CA THR A 240 -8.46 14.08 4.53
C THR A 240 -9.24 15.25 3.97
N THR A 241 -8.85 15.73 2.79
CA THR A 241 -9.53 16.88 2.21
C THR A 241 -9.54 16.85 0.69
N GLY A 242 -10.58 17.44 0.12
CA GLY A 242 -10.70 17.48 -1.33
C GLY A 242 -11.45 16.30 -1.88
N GLU A 243 -11.85 16.41 -3.14
CA GLU A 243 -12.57 15.32 -3.79
C GLU A 243 -11.52 14.29 -4.17
N LEU A 244 -11.93 13.02 -4.21
CA LEU A 244 -11.00 11.98 -4.59
C LEU A 244 -10.72 12.10 -6.08
N PHE A 245 -9.46 11.87 -6.46
CA PHE A 245 -9.08 11.93 -7.86
C PHE A 245 -8.29 10.67 -8.21
N PHE A 246 -8.19 10.36 -9.50
CA PHE A 246 -7.50 9.16 -9.94
C PHE A 246 -8.11 7.95 -9.24
N ARG A 247 -9.44 7.82 -9.31
CA ARG A 247 -10.12 6.67 -8.71
C ARG A 247 -9.52 5.42 -9.31
N SER A 248 -9.35 4.40 -8.48
CA SER A 248 -8.74 3.16 -8.93
C SER A 248 -9.08 2.02 -7.98
N GLY A 249 -8.67 0.83 -8.37
CA GLY A 249 -8.92 -0.32 -7.53
C GLY A 249 -7.61 -1.00 -7.16
N PHE A 250 -7.66 -1.78 -6.10
CA PHE A 250 -6.50 -2.56 -5.67
C PHE A 250 -6.75 -3.97 -6.20
N GLY A 251 -5.71 -4.59 -6.74
CA GLY A 251 -5.88 -5.94 -7.23
C GLY A 251 -4.73 -6.84 -6.84
N ILE A 252 -4.94 -8.14 -6.95
CA ILE A 252 -3.89 -9.13 -6.69
C ILE A 252 -3.03 -9.11 -7.95
N GLY A 253 -1.72 -9.17 -7.79
CA GLY A 253 -0.82 -9.15 -8.94
C GLY A 253 -0.18 -10.49 -9.20
N MET A 254 -0.13 -10.89 -10.46
CA MET A 254 0.47 -12.16 -10.87
C MET A 254 1.22 -11.91 -12.18
N ARG A 255 2.15 -12.80 -12.52
CA ARG A 255 2.88 -12.62 -13.77
C ARG A 255 1.95 -12.85 -14.96
N LYS A 256 2.36 -12.33 -16.12
CA LYS A 256 1.60 -12.47 -17.35
C LYS A 256 1.27 -13.92 -17.64
N ASP A 257 0.06 -14.15 -18.14
CA ASP A 257 -0.42 -15.48 -18.48
C ASP A 257 -0.32 -16.46 -17.33
N SER A 258 -0.52 -15.95 -16.12
CA SER A 258 -0.49 -16.79 -14.94
C SER A 258 -1.75 -17.62 -14.90
N PRO A 259 -1.62 -18.92 -14.60
CA PRO A 259 -2.77 -19.83 -14.53
C PRO A 259 -3.64 -19.57 -13.29
N TRP A 260 -3.18 -18.67 -12.42
CA TRP A 260 -3.92 -18.34 -11.20
C TRP A 260 -4.94 -17.22 -11.38
N LYS A 261 -4.74 -16.39 -12.39
CA LYS A 261 -5.62 -15.24 -12.62
C LYS A 261 -7.12 -15.49 -12.55
N GLN A 262 -7.60 -16.42 -13.35
CA GLN A 262 -9.04 -16.73 -13.38
C GLN A 262 -9.60 -17.09 -12.01
N ASN A 263 -8.96 -18.03 -11.34
CA ASN A 263 -9.46 -18.46 -10.04
C ASN A 263 -9.33 -17.38 -8.95
N VAL A 264 -8.30 -16.54 -9.04
CA VAL A 264 -8.16 -15.47 -8.07
C VAL A 264 -9.32 -14.48 -8.26
N SER A 265 -9.57 -14.06 -9.50
CA SER A 265 -10.67 -13.15 -9.74
C SER A 265 -12.00 -13.78 -9.34
N LEU A 266 -12.13 -15.09 -9.54
CA LEU A 266 -13.36 -15.79 -9.17
C LEU A 266 -13.59 -15.69 -7.66
N SER A 267 -12.53 -15.89 -6.90
CA SER A 267 -12.62 -15.81 -5.44
C SER A 267 -13.00 -14.40 -5.02
N ILE A 268 -12.37 -13.42 -5.64
CA ILE A 268 -12.66 -12.02 -5.34
C ILE A 268 -14.13 -11.69 -5.66
N LEU A 269 -14.63 -12.18 -6.80
CA LEU A 269 -16.02 -11.95 -7.15
C LEU A 269 -16.92 -12.51 -6.05
N LYS A 270 -16.69 -13.75 -5.66
CA LYS A 270 -17.50 -14.36 -4.62
C LYS A 270 -17.46 -13.57 -3.31
N SER A 271 -16.27 -13.09 -2.95
CA SER A 271 -16.13 -12.31 -1.73
C SER A 271 -16.89 -10.98 -1.78
N HIS A 272 -17.06 -10.41 -2.98
CA HIS A 272 -17.82 -9.18 -3.13
C HIS A 272 -19.31 -9.52 -3.06
N GLU A 273 -19.67 -10.74 -3.44
CA GLU A 273 -21.07 -11.16 -3.45
C GLU A 273 -21.64 -11.62 -2.12
N ASN A 274 -20.82 -12.27 -1.30
CA ASN A 274 -21.30 -12.88 -0.06
C ASN A 274 -21.07 -12.19 1.27
N GLY A 275 -20.61 -10.95 1.23
CA GLY A 275 -20.37 -10.24 2.48
C GLY A 275 -18.97 -10.38 3.06
N PHE A 276 -18.13 -11.24 2.49
CA PHE A 276 -16.78 -11.41 3.02
C PHE A 276 -15.96 -10.12 2.96
N MET A 277 -15.95 -9.47 1.80
CA MET A 277 -15.19 -8.23 1.67
C MET A 277 -15.76 -7.16 2.60
N GLU A 278 -17.08 -7.08 2.69
CA GLU A 278 -17.69 -6.08 3.56
C GLU A 278 -17.34 -6.36 5.01
N ASP A 279 -17.27 -7.63 5.38
CA ASP A 279 -16.92 -7.98 6.75
C ASP A 279 -15.47 -7.57 7.04
N LEU A 280 -14.61 -7.67 6.03
CA LEU A 280 -13.23 -7.23 6.23
C LEU A 280 -13.20 -5.73 6.51
N ASP A 281 -14.06 -4.96 5.86
CA ASP A 281 -14.10 -3.53 6.11
C ASP A 281 -14.56 -3.25 7.55
N LYS A 282 -15.53 -4.01 8.03
CA LYS A 282 -16.04 -3.82 9.39
C LYS A 282 -15.05 -4.30 10.45
N THR A 283 -14.10 -5.14 10.04
CA THR A 283 -13.10 -5.65 10.96
C THR A 283 -11.83 -4.79 10.99
N TRP A 284 -11.42 -4.32 9.81
CA TRP A 284 -10.16 -3.59 9.68
C TRP A 284 -10.22 -2.11 9.36
N VAL A 285 -11.36 -1.63 8.88
CA VAL A 285 -11.44 -0.23 8.47
C VAL A 285 -12.40 0.65 9.28
N ARG A 286 -13.67 0.28 9.34
CA ARG A 286 -14.65 1.08 10.07
C ARG A 286 -15.18 0.32 11.30
N TYR A 287 -14.61 0.63 12.46
CA TYR A 287 -15.02 -0.07 13.67
C TYR A 287 -14.89 0.68 14.99
N GLN A 288 -14.17 1.80 15.01
CA GLN A 288 -14.02 2.56 16.25
C GLN A 288 -13.70 4.02 15.99
N GLU A 289 -13.81 4.85 17.03
CA GLU A 289 -13.51 6.26 16.91
C GLU A 289 -12.01 6.52 17.07
N CYS A 290 -11.61 7.75 16.76
CA CYS A 290 -10.20 8.13 16.82
C CYS A 290 -9.67 8.23 18.24
N ASP A 291 -8.45 7.74 18.44
CA ASP A 291 -7.81 7.79 19.75
C ASP A 291 -6.36 7.32 19.65
CB 1AC B . 0.53 2.86 -3.08
CG 1AC B . -0.19 3.67 -4.11
CA 1AC B . -0.17 2.16 -4.17
C 1AC B . 0.57 1.51 -5.33
OXT 1AC B . 1.68 1.99 -5.66
O 1AC B . 0.06 0.45 -5.76
N 1AC B . -1.51 1.57 -3.90
#